data_6T89
#
_entry.id   6T89
#
_cell.length_a   71.914
_cell.length_b   71.829
_cell.length_c   72.158
_cell.angle_alpha   90.000
_cell.angle_beta   100.950
_cell.angle_gamma   90.000
#
_symmetry.space_group_name_H-M   'C 1 2 1'
#
loop_
_entity.id
_entity.type
_entity.pdbx_description
1 polymer Prothrombin
2 polymer Prothrombin
3 polymer 'Hirudin variant-2'
4 non-polymer 4-[(2~{S})-3-(3-carbamimidoylphenyl)-2-[[3-(4-methoxy-2-oxidanyl-phenyl)phenyl]sulfonylamino]propanoyl]-~{N}-methyl-piperazine-1-carboxamide
5 non-polymer 2-acetamido-2-deoxy-beta-D-glucopyranose
6 non-polymer 'SODIUM ION'
7 non-polymer 'DIMETHYL SULFOXIDE'
8 water water
#
loop_
_entity_poly.entity_id
_entity_poly.type
_entity_poly.pdbx_seq_one_letter_code
_entity_poly.pdbx_strand_id
1 'polypeptide(L)' TFGSGEADCGLRPLFEKKSLEDKTERELLESYIDGR L
2 'polypeptide(L)'
;IVEGSDAEIGMSPWQVMLFRKSPQELLCGASLISDRWVLTAAHCLLYPPWDKNFTENDLLVRIGKHSRTRYERNIEKISM
LEKIYIHPRYNWRENLDRDIALMKLKKPVAFSDYIHPVCLPDRETAASLLQAGYKGRVTGWGNLKETWTANVGKGQPSVL
QVVNLPIVERPVCKDSTRIRITDNMFCAGYKPDEGKRGDACEGDSGGPFVMKSPFNNRWYQMGIVSWGEGCDRDGKYGFY
THVFRLKKWIQKVIDQFGE
;
H
3 'polypeptide(L)' GDFEEIPEE(TYS)LQ I
#
# COMPACT_ATOMS: atom_id res chain seq x y z
N GLU A 6 -5.72 15.47 -4.86
CA GLU A 6 -6.94 16.21 -4.58
C GLU A 6 -6.75 17.12 -3.37
N ALA A 7 -7.40 18.28 -3.38
CA ALA A 7 -7.31 19.20 -2.25
C ALA A 7 -7.89 18.61 -0.98
N ASP A 8 -8.76 17.60 -1.09
CA ASP A 8 -9.31 16.91 0.07
C ASP A 8 -8.56 15.62 0.38
N CYS A 9 -7.35 15.44 -0.16
CA CYS A 9 -6.66 14.17 0.03
C CYS A 9 -6.32 13.95 1.50
N GLY A 10 -6.34 12.68 1.90
CA GLY A 10 -5.84 12.31 3.21
C GLY A 10 -6.75 12.65 4.38
N LEU A 11 -7.96 13.15 4.15
CA LEU A 11 -8.93 13.42 5.21
C LEU A 11 -10.04 12.40 5.06
N ARG A 12 -10.15 11.49 6.03
CA ARG A 12 -11.07 10.36 5.86
C ARG A 12 -12.50 10.78 6.16
N PRO A 13 -13.47 10.44 5.30
CA PRO A 13 -14.87 10.80 5.60
C PRO A 13 -15.34 10.32 6.96
N LEU A 14 -14.90 9.15 7.41
CA LEU A 14 -15.41 8.63 8.67
C LEU A 14 -14.53 8.98 9.87
N PHE A 15 -13.44 9.72 9.68
CA PHE A 15 -12.62 10.09 10.83
C PHE A 15 -12.31 11.60 10.83
N GLU A 16 -11.24 12.05 10.17
CA GLU A 16 -10.90 13.47 10.20
C GLU A 16 -12.07 14.36 9.83
N LYS A 17 -12.81 13.99 8.77
CA LYS A 17 -13.92 14.83 8.31
C LYS A 17 -14.92 15.07 9.42
N LYS A 18 -15.15 14.08 10.28
CA LYS A 18 -16.10 14.25 11.38
C LYS A 18 -15.41 14.28 12.74
N SER A 19 -14.10 14.51 12.76
CA SER A 19 -13.33 14.71 14.00
C SER A 19 -13.45 13.51 14.94
N LEU A 20 -13.41 12.31 14.37
CA LEU A 20 -13.30 11.06 15.12
C LEU A 20 -11.89 10.47 14.94
N GLU A 21 -11.33 9.91 15.99
CA GLU A 21 -10.02 9.26 15.92
C GLU A 21 -10.20 7.76 15.78
N ASP A 22 -9.34 7.14 14.96
CA ASP A 22 -9.36 5.68 14.94
C ASP A 22 -8.60 5.15 16.14
N LYS A 23 -8.64 3.82 16.31
CA LYS A 23 -8.21 3.23 17.57
C LYS A 23 -6.70 3.25 17.79
N THR A 24 -5.88 3.40 16.75
CA THR A 24 -4.44 3.36 16.99
C THR A 24 -3.66 4.53 16.38
N GLU A 25 -4.32 5.56 15.84
CA GLU A 25 -3.55 6.65 15.26
C GLU A 25 -2.75 7.41 16.31
N ARG A 26 -3.21 7.40 17.57
CA ARG A 26 -2.44 8.03 18.64
C ARG A 26 -1.03 7.46 18.72
N GLU A 27 -0.89 6.15 18.49
CA GLU A 27 0.44 5.53 18.51
C GLU A 27 1.37 6.21 17.51
N LEU A 28 0.84 6.56 16.34
CA LEU A 28 1.66 7.24 15.35
C LEU A 28 2.11 8.60 15.88
N LEU A 29 1.16 9.39 16.39
CA LEU A 29 1.48 10.73 16.87
C LEU A 29 2.49 10.67 18.01
N GLU A 30 2.38 9.67 18.88
CA GLU A 30 3.29 9.60 20.02
C GLU A 30 4.70 9.24 19.60
N SER A 31 4.87 8.63 18.43
CA SER A 31 6.21 8.33 17.91
C SER A 31 6.90 9.54 17.29
N TYR A 32 6.15 10.57 16.89
CA TYR A 32 6.71 11.74 16.20
C TYR A 32 7.29 12.70 17.24
N ILE A 33 8.33 12.23 17.92
CA ILE A 33 8.89 12.92 19.07
C ILE A 33 10.32 12.45 19.30
N ILE B 1 -0.80 -9.28 6.46
CA ILE B 1 -0.26 -8.59 7.63
C ILE B 1 -0.12 -9.55 8.81
N VAL B 2 1.08 -9.59 9.39
CA VAL B 2 1.38 -10.45 10.54
C VAL B 2 1.33 -9.61 11.80
N GLU B 3 0.64 -10.11 12.83
CA GLU B 3 0.54 -9.45 14.13
C GLU B 3 -0.13 -8.08 14.03
N GLY B 4 -1.09 -7.95 13.12
CA GLY B 4 -1.91 -6.77 13.02
C GLY B 4 -3.28 -7.00 13.62
N SER B 5 -4.23 -6.14 13.27
CA SER B 5 -5.58 -6.28 13.78
C SER B 5 -6.58 -5.89 12.70
N ASP B 6 -7.85 -6.22 12.93
CA ASP B 6 -8.90 -5.81 12.01
C ASP B 6 -8.91 -4.29 11.86
N ALA B 7 -8.96 -3.82 10.62
CA ALA B 7 -9.17 -2.40 10.38
C ALA B 7 -10.57 -2.00 10.82
N GLU B 8 -10.72 -0.71 11.15
CA GLU B 8 -12.04 -0.16 11.37
C GLU B 8 -12.68 0.19 10.02
N ILE B 9 -14.02 0.30 10.02
CA ILE B 9 -14.71 0.65 8.79
C ILE B 9 -14.27 2.05 8.35
N GLY B 10 -13.90 2.19 7.09
CA GLY B 10 -13.48 3.47 6.58
C GLY B 10 -12.11 3.92 7.06
N MET B 11 -11.33 3.03 7.67
CA MET B 11 -10.07 3.44 8.27
C MET B 11 -9.01 3.69 7.22
N SER B 12 -9.13 3.03 6.07
CA SER B 12 -8.13 3.11 5.02
C SER B 12 -8.87 3.23 3.69
N PRO B 13 -9.57 4.36 3.48
CA PRO B 13 -10.48 4.46 2.32
C PRO B 13 -9.77 4.58 0.99
N TRP B 14 -8.45 4.77 1.01
CA TRP B 14 -7.63 4.69 -0.18
C TRP B 14 -7.18 3.26 -0.52
N GLN B 15 -7.52 2.28 0.31
CA GLN B 15 -7.05 0.92 0.05
C GLN B 15 -7.67 0.38 -1.23
N VAL B 16 -6.85 -0.20 -2.09
CA VAL B 16 -7.31 -0.79 -3.36
C VAL B 16 -6.88 -2.24 -3.39
N MET B 17 -7.77 -3.12 -3.86
CA MET B 17 -7.42 -4.53 -4.11
C MET B 17 -7.22 -4.74 -5.62
N LEU B 18 -6.04 -5.23 -5.99
CA LEU B 18 -5.80 -5.66 -7.36
C LEU B 18 -6.31 -7.08 -7.49
N PHE B 19 -7.21 -7.32 -8.43
CA PHE B 19 -7.96 -8.56 -8.51
C PHE B 19 -7.81 -9.14 -9.91
N ARG B 20 -7.44 -10.41 -10.01
CA ARG B 20 -7.32 -11.04 -11.31
C ARG B 20 -8.68 -11.54 -11.79
N LYS B 21 -8.98 -11.31 -13.08
CA LYS B 21 -10.28 -11.68 -13.62
C LYS B 21 -10.44 -13.19 -13.66
N SER B 22 -9.46 -13.91 -14.18
CA SER B 22 -9.61 -15.35 -14.31
C SER B 22 -8.25 -16.01 -14.10
N PRO B 23 -8.09 -16.83 -13.05
CA PRO B 23 -9.13 -17.08 -12.04
C PRO B 23 -9.31 -15.90 -11.10
N GLN B 24 -10.49 -15.78 -10.50
CA GLN B 24 -10.79 -14.67 -9.61
C GLN B 24 -10.01 -14.84 -8.32
N GLU B 25 -9.06 -13.94 -8.07
CA GLU B 25 -8.23 -14.07 -6.88
C GLU B 25 -7.56 -12.73 -6.60
N LEU B 26 -7.22 -12.52 -5.33
CA LEU B 26 -6.41 -11.39 -4.95
C LEU B 26 -5.04 -11.49 -5.62
N LEU B 27 -4.57 -10.36 -6.15
CA LEU B 27 -3.22 -10.30 -6.67
C LEU B 27 -2.30 -9.44 -5.82
N CYS B 28 -2.77 -8.29 -5.36
CA CYS B 28 -1.92 -7.36 -4.64
C CYS B 28 -2.80 -6.30 -3.99
N GLY B 29 -2.19 -5.54 -3.08
CA GLY B 29 -2.74 -4.27 -2.66
C GLY B 29 -2.34 -3.15 -3.61
N ALA B 30 -2.88 -1.97 -3.32
CA ALA B 30 -2.69 -0.79 -4.14
C ALA B 30 -3.36 0.36 -3.38
N SER B 31 -3.31 1.57 -3.95
CA SER B 31 -3.88 2.70 -3.25
C SER B 31 -4.47 3.71 -4.23
N LEU B 32 -5.49 4.43 -3.77
CA LEU B 32 -6.17 5.43 -4.58
C LEU B 32 -5.54 6.78 -4.31
N ILE B 33 -5.00 7.42 -5.35
CA ILE B 33 -4.36 8.73 -5.20
C ILE B 33 -5.14 9.86 -5.89
N SER B 34 -6.16 9.55 -6.68
CA SER B 34 -7.08 10.54 -7.25
C SER B 34 -8.31 9.79 -7.71
N ASP B 35 -9.24 10.49 -8.37
CA ASP B 35 -10.43 9.80 -8.82
C ASP B 35 -10.17 8.85 -9.98
N ARG B 36 -8.99 8.91 -10.63
CA ARG B 36 -8.73 7.98 -11.71
C ARG B 36 -7.32 7.39 -11.73
N TRP B 37 -6.52 7.54 -10.66
CA TRP B 37 -5.18 6.97 -10.63
C TRP B 37 -4.97 6.11 -9.39
N VAL B 38 -4.36 4.94 -9.60
CA VAL B 38 -4.11 3.97 -8.54
C VAL B 38 -2.62 3.65 -8.55
N LEU B 39 -2.01 3.61 -7.37
CA LEU B 39 -0.60 3.35 -7.19
C LEU B 39 -0.40 1.94 -6.63
N THR B 40 0.60 1.22 -7.14
CA THR B 40 0.92 -0.11 -6.63
C THR B 40 2.40 -0.39 -6.88
N ALA B 41 2.82 -1.62 -6.60
CA ALA B 41 4.20 -2.03 -6.82
C ALA B 41 4.35 -2.58 -8.24
N ALA B 42 5.49 -2.28 -8.87
CA ALA B 42 5.77 -2.79 -10.21
C ALA B 42 5.77 -4.32 -10.24
N HIS B 43 6.26 -4.95 -9.18
CA HIS B 43 6.37 -6.41 -9.19
C HIS B 43 5.02 -7.10 -9.11
N CYS B 44 3.97 -6.36 -8.76
CA CYS B 44 2.61 -6.90 -8.83
C CYS B 44 2.17 -7.16 -10.26
N LEU B 45 2.77 -6.46 -11.22
CA LEU B 45 2.36 -6.51 -12.61
C LEU B 45 3.40 -7.11 -13.54
N LEU B 46 4.68 -7.04 -13.18
CA LEU B 46 5.75 -7.42 -14.09
C LEU B 46 6.88 -8.07 -13.29
N TYR B 47 7.17 -9.34 -13.62
CA TYR B 47 8.37 -10.00 -13.10
C TYR B 47 8.76 -11.11 -14.07
N PRO B 48 9.55 -10.78 -15.08
CA PRO B 48 9.88 -11.74 -16.16
C PRO B 48 10.56 -13.02 -15.67
N PRO B 49 11.37 -12.99 -14.60
CA PRO B 49 11.97 -14.27 -14.17
C PRO B 49 10.95 -15.33 -13.87
N TRP B 50 9.73 -14.95 -13.47
CA TRP B 50 8.64 -15.88 -13.20
C TRP B 50 7.57 -15.85 -14.28
N ASP B 51 7.85 -15.25 -15.43
CA ASP B 51 6.89 -15.16 -16.54
C ASP B 51 5.64 -14.38 -16.15
N LYS B 52 5.80 -13.39 -15.28
CA LYS B 52 4.68 -12.55 -14.88
C LYS B 52 4.72 -11.25 -15.66
N ASN B 53 3.66 -10.98 -16.42
CA ASN B 53 3.54 -9.75 -17.21
C ASN B 53 2.07 -9.46 -17.50
N PHE B 54 1.34 -8.95 -16.51
CA PHE B 54 -0.09 -8.72 -16.66
C PHE B 54 -0.38 -7.55 -17.59
N THR B 55 -1.41 -7.70 -18.44
CA THR B 55 -1.92 -6.60 -19.24
C THR B 55 -3.18 -6.02 -18.58
N GLU B 56 -3.63 -4.88 -19.12
CA GLU B 56 -4.78 -4.19 -18.51
C GLU B 56 -5.99 -5.10 -18.40
N ASN B 57 -6.29 -5.84 -19.46
CA ASN B 57 -7.52 -6.61 -19.49
C ASN B 57 -7.48 -7.84 -18.59
N ASP B 58 -6.34 -8.15 -17.98
CA ASP B 58 -6.27 -9.29 -17.07
C ASP B 58 -6.81 -8.96 -15.69
N LEU B 59 -6.96 -7.67 -15.36
CA LEU B 59 -7.07 -7.20 -13.98
C LEU B 59 -8.29 -6.33 -13.78
N LEU B 60 -8.70 -6.23 -12.52
CA LEU B 60 -9.67 -5.25 -12.03
C LEU B 60 -9.13 -4.67 -10.74
N VAL B 61 -9.63 -3.49 -10.37
CA VAL B 61 -9.34 -2.90 -9.07
C VAL B 61 -10.64 -2.78 -8.30
N ARG B 62 -10.61 -3.19 -7.03
CA ARG B 62 -11.78 -3.15 -6.18
C ARG B 62 -11.51 -2.15 -5.06
N ILE B 63 -12.40 -1.17 -4.94
CA ILE B 63 -12.17 0.03 -4.14
C ILE B 63 -13.26 0.12 -3.10
N GLY B 64 -12.91 0.57 -1.89
CA GLY B 64 -13.85 0.69 -0.80
C GLY B 64 -14.10 -0.59 -0.04
N LYS B 65 -13.22 -1.60 -0.19
CA LYS B 65 -13.48 -2.90 0.40
C LYS B 65 -13.06 -2.95 1.87
N HIS B 66 -13.68 -3.88 2.59
CA HIS B 66 -13.30 -4.24 3.94
C HIS B 66 -13.09 -5.75 4.02
N SER B 67 -14.17 -6.49 3.81
CA SER B 67 -14.07 -7.95 3.69
C SER B 67 -13.12 -8.33 2.56
N ARG B 68 -12.30 -9.36 2.81
CA ARG B 68 -11.38 -9.85 1.77
C ARG B 68 -12.12 -10.52 0.62
N THR B 69 -13.00 -11.49 0.93
CA THR B 69 -13.56 -12.36 -0.11
C THR B 69 -14.97 -11.99 -0.56
N ARG B 70 -15.73 -11.29 0.28
N ARG B 70 -15.74 -11.29 0.27
CA ARG B 70 -17.12 -10.97 -0.04
CA ARG B 70 -17.13 -11.02 -0.07
C ARG B 70 -17.20 -9.91 -1.12
C ARG B 70 -17.22 -9.90 -1.10
N TYR B 71 -18.25 -9.98 -1.95
CA TYR B 71 -18.60 -8.88 -2.83
C TYR B 71 -19.46 -7.93 -2.00
N GLU B 72 -18.91 -6.74 -1.70
CA GLU B 72 -19.53 -5.84 -0.73
C GLU B 72 -20.52 -4.94 -1.46
N ARG B 73 -21.69 -5.53 -1.74
CA ARG B 73 -22.74 -4.88 -2.50
C ARG B 73 -23.08 -3.51 -1.90
N ASN B 74 -23.25 -2.52 -2.78
CA ASN B 74 -23.54 -1.13 -2.45
C ASN B 74 -22.41 -0.42 -1.71
N ILE B 75 -21.24 -1.03 -1.57
CA ILE B 75 -20.17 -0.39 -0.82
C ILE B 75 -18.92 -0.29 -1.68
N GLU B 76 -18.42 -1.44 -2.15
CA GLU B 76 -17.24 -1.38 -2.99
C GLU B 76 -17.62 -1.00 -4.41
N LYS B 77 -16.64 -0.49 -5.14
CA LYS B 77 -16.79 -0.15 -6.54
C LYS B 77 -15.65 -0.83 -7.31
N ILE B 78 -15.98 -1.49 -8.42
CA ILE B 78 -15.01 -2.23 -9.21
C ILE B 78 -14.74 -1.47 -10.51
N SER B 79 -13.47 -1.21 -10.81
CA SER B 79 -13.08 -0.42 -11.97
C SER B 79 -12.18 -1.25 -12.89
N MET B 80 -12.30 -0.99 -14.18
CA MET B 80 -11.41 -1.58 -15.17
C MET B 80 -10.24 -0.64 -15.42
N LEU B 81 -9.17 -1.20 -15.98
CA LEU B 81 -7.95 -0.44 -16.20
C LEU B 81 -7.92 0.12 -17.61
N GLU B 82 -7.63 1.41 -17.73
CA GLU B 82 -7.33 1.96 -19.04
C GLU B 82 -5.89 1.70 -19.45
N LYS B 83 -4.94 1.94 -18.55
CA LYS B 83 -3.54 1.79 -18.94
C LYS B 83 -2.68 1.54 -17.71
N ILE B 84 -1.67 0.67 -17.86
CA ILE B 84 -0.65 0.38 -16.86
C ILE B 84 0.64 1.12 -17.22
N TYR B 85 1.31 1.69 -16.23
CA TYR B 85 2.59 2.37 -16.41
C TYR B 85 3.56 1.85 -15.37
N ILE B 86 4.62 1.17 -15.81
CA ILE B 86 5.68 0.69 -14.93
C ILE B 86 6.83 1.68 -14.97
N HIS B 87 7.49 1.89 -13.83
CA HIS B 87 8.66 2.77 -13.86
C HIS B 87 9.66 2.25 -14.90
N PRO B 88 10.17 3.10 -15.78
CA PRO B 88 11.11 2.63 -16.83
C PRO B 88 12.39 2.05 -16.29
N ARG B 89 12.83 2.42 -15.09
CA ARG B 89 14.05 1.86 -14.53
C ARG B 89 13.77 0.92 -13.35
N TYR B 90 12.54 0.40 -13.25
CA TYR B 90 12.23 -0.71 -12.37
C TYR B 90 13.24 -1.84 -12.58
N ASN B 91 14.00 -2.17 -11.55
CA ASN B 91 15.11 -3.13 -11.69
C ASN B 91 14.65 -4.52 -11.23
N TRP B 92 13.92 -5.20 -12.11
CA TRP B 92 13.49 -6.57 -11.83
C TRP B 92 14.63 -7.57 -11.97
N ARG B 93 15.74 -7.19 -12.60
CA ARG B 93 16.84 -8.12 -12.76
C ARG B 93 17.62 -8.31 -11.47
N GLU B 94 17.64 -7.32 -10.56
N GLU B 94 17.63 -7.32 -10.59
CA GLU B 94 18.54 -7.39 -9.39
CA GLU B 94 18.43 -7.42 -9.38
C GLU B 94 17.79 -7.33 -8.06
C GLU B 94 17.51 -7.38 -8.16
N ASN B 95 17.22 -6.18 -7.68
CA ASN B 95 16.75 -5.98 -6.31
C ASN B 95 15.41 -5.25 -6.22
N LEU B 96 14.64 -5.18 -7.30
CA LEU B 96 13.35 -4.47 -7.33
C LEU B 96 13.51 -2.97 -7.04
N ASP B 97 14.67 -2.41 -7.36
CA ASP B 97 14.86 -0.98 -7.24
C ASP B 97 13.77 -0.25 -8.05
N ARG B 98 13.20 0.80 -7.48
CA ARG B 98 12.13 1.58 -8.10
C ARG B 98 10.89 0.71 -8.36
N ASP B 99 10.41 0.09 -7.29
CA ASP B 99 9.32 -0.89 -7.40
C ASP B 99 7.99 -0.13 -7.33
N ILE B 100 7.60 0.45 -8.47
CA ILE B 100 6.44 1.33 -8.49
C ILE B 100 5.77 1.26 -9.85
N ALA B 101 4.44 1.42 -9.85
CA ALA B 101 3.63 1.39 -11.06
C ALA B 101 2.35 2.17 -10.80
N LEU B 102 1.87 2.82 -11.86
CA LEU B 102 0.60 3.53 -11.86
C LEU B 102 -0.40 2.83 -12.77
N MET B 103 -1.67 2.90 -12.40
CA MET B 103 -2.76 2.35 -13.19
C MET B 103 -3.83 3.43 -13.35
N LYS B 104 -4.09 3.82 -14.60
CA LYS B 104 -5.18 4.74 -14.92
C LYS B 104 -6.48 3.97 -15.13
N LEU B 105 -7.52 4.40 -14.44
CA LEU B 105 -8.83 3.76 -14.51
C LEU B 105 -9.57 4.18 -15.77
N LYS B 106 -10.38 3.27 -16.30
CA LYS B 106 -11.17 3.60 -17.48
C LYS B 106 -12.16 4.74 -17.22
N LYS B 107 -12.64 4.87 -15.97
CA LYS B 107 -13.60 5.89 -15.58
C LYS B 107 -13.31 6.32 -14.16
N PRO B 108 -13.54 7.58 -13.80
CA PRO B 108 -13.34 7.99 -12.41
C PRO B 108 -14.26 7.24 -11.46
N VAL B 109 -13.77 6.96 -10.27
CA VAL B 109 -14.55 6.29 -9.25
C VAL B 109 -15.22 7.37 -8.40
N ALA B 110 -16.48 7.14 -8.01
CA ALA B 110 -17.16 8.06 -7.12
C ALA B 110 -16.62 7.92 -5.70
N PHE B 111 -16.22 9.05 -5.10
CA PHE B 111 -15.80 9.02 -3.70
C PHE B 111 -17.01 8.80 -2.80
N SER B 112 -16.75 8.28 -1.60
CA SER B 112 -17.81 7.98 -0.66
C SER B 112 -17.21 7.94 0.73
N ASP B 113 -18.03 7.55 1.72
CA ASP B 113 -17.53 7.31 3.07
C ASP B 113 -16.39 6.27 3.07
N TYR B 114 -16.37 5.37 2.08
CA TYR B 114 -15.46 4.23 2.06
C TYR B 114 -14.36 4.36 0.99
N ILE B 115 -14.42 5.40 0.17
CA ILE B 115 -13.57 5.57 -1.01
C ILE B 115 -13.08 7.01 -1.01
N HIS B 116 -11.78 7.20 -0.83
CA HIS B 116 -11.22 8.55 -0.68
C HIS B 116 -9.71 8.48 -0.90
N PRO B 117 -9.13 9.43 -1.62
CA PRO B 117 -7.70 9.32 -1.97
C PRO B 117 -6.79 9.77 -0.83
N VAL B 118 -5.60 9.17 -0.82
CA VAL B 118 -4.53 9.52 0.10
C VAL B 118 -3.68 10.62 -0.53
N CYS B 119 -2.97 11.40 0.29
CA CYS B 119 -2.04 12.39 -0.25
C CYS B 119 -0.69 11.78 -0.59
N LEU B 120 -0.02 12.38 -1.57
CA LEU B 120 1.39 12.06 -1.77
C LEU B 120 2.27 13.16 -1.16
N PRO B 121 3.40 12.78 -0.56
CA PRO B 121 4.19 13.77 0.18
C PRO B 121 4.91 14.77 -0.73
N ASP B 122 4.96 16.01 -0.26
CA ASP B 122 5.90 17.01 -0.74
C ASP B 122 7.27 16.77 -0.09
N ARG B 123 8.28 17.48 -0.60
CA ARG B 123 9.64 17.30 -0.07
C ARG B 123 9.70 17.58 1.42
N GLU B 124 9.03 18.63 1.86
CA GLU B 124 9.06 19.01 3.27
C GLU B 124 8.39 17.94 4.14
N THR B 125 7.23 17.43 3.71
CA THR B 125 6.58 16.40 4.51
C THR B 125 7.43 15.14 4.56
N ALA B 126 8.06 14.76 3.44
CA ALA B 126 8.98 13.63 3.44
C ALA B 126 10.13 13.85 4.40
N ALA B 127 10.81 15.00 4.30
CA ALA B 127 11.96 15.23 5.16
C ALA B 127 11.56 15.29 6.63
N SER B 128 10.37 15.78 6.92
CA SER B 128 9.93 15.91 8.30
C SER B 128 9.56 14.56 8.92
N LEU B 129 8.93 13.67 8.16
CA LEU B 129 8.33 12.48 8.73
C LEU B 129 9.11 11.19 8.47
N LEU B 130 9.91 11.12 7.42
CA LEU B 130 10.57 9.86 7.08
C LEU B 130 11.86 9.75 7.89
N GLN B 131 11.67 9.54 9.18
CA GLN B 131 12.76 9.53 10.15
C GLN B 131 12.71 8.24 10.96
N ALA B 132 13.89 7.72 11.31
CA ALA B 132 13.97 6.49 12.09
C ALA B 132 13.25 6.65 13.42
N GLY B 133 12.48 5.62 13.80
CA GLY B 133 11.71 5.67 15.02
C GLY B 133 10.30 6.20 14.86
N TYR B 134 10.05 6.99 13.82
CA TYR B 134 8.68 7.44 13.54
C TYR B 134 7.88 6.28 12.96
N LYS B 135 6.61 6.20 13.35
CA LYS B 135 5.78 5.06 12.97
C LYS B 135 4.87 5.42 11.81
N GLY B 136 4.79 4.51 10.84
CA GLY B 136 3.80 4.55 9.80
C GLY B 136 2.87 3.37 9.93
N ARG B 137 1.94 3.25 8.98
CA ARG B 137 0.89 2.25 9.05
C ARG B 137 0.79 1.48 7.74
N VAL B 138 0.71 0.15 7.85
CA VAL B 138 0.59 -0.73 6.69
C VAL B 138 -0.74 -1.48 6.77
N THR B 139 -1.41 -1.61 5.64
CA THR B 139 -2.69 -2.30 5.58
C THR B 139 -2.70 -3.29 4.44
N GLY B 140 -3.49 -4.35 4.57
CA GLY B 140 -3.59 -5.29 3.47
C GLY B 140 -4.39 -6.52 3.84
N TRP B 141 -4.69 -7.29 2.81
CA TRP B 141 -5.40 -8.56 2.95
C TRP B 141 -4.48 -9.75 2.86
N GLY B 142 -3.17 -9.54 2.95
CA GLY B 142 -2.23 -10.63 2.76
C GLY B 142 -2.20 -11.57 3.94
N ASN B 143 -1.25 -12.50 3.87
CA ASN B 143 -1.14 -13.59 4.85
C ASN B 143 -1.02 -13.06 6.28
N LEU B 144 -1.65 -13.80 7.19
CA LEU B 144 -1.54 -13.55 8.62
C LEU B 144 -0.26 -14.14 9.23
N LYS B 145 0.41 -15.04 8.53
CA LYS B 145 1.66 -15.58 9.03
C LYS B 145 2.42 -16.18 7.86
N GLU B 146 3.71 -16.43 8.08
CA GLU B 146 4.53 -17.11 7.07
C GLU B 146 3.86 -18.40 6.62
N THR B 147 3.55 -18.46 5.33
CA THR B 147 2.79 -19.59 4.78
C THR B 147 3.60 -20.37 3.75
N GLY B 155 -5.07 -18.90 7.93
CA GLY B 155 -3.96 -18.33 7.18
C GLY B 155 -4.25 -16.97 6.57
N GLN B 156 -5.48 -16.78 6.07
CA GLN B 156 -5.81 -15.50 5.44
C GLN B 156 -6.87 -14.76 6.24
N PRO B 157 -6.88 -13.43 6.21
CA PRO B 157 -7.82 -12.68 7.03
C PRO B 157 -9.22 -12.64 6.45
N SER B 158 -10.19 -12.49 7.34
CA SER B 158 -11.56 -12.24 6.90
C SER B 158 -11.75 -10.81 6.41
N VAL B 159 -11.09 -9.84 7.04
CA VAL B 159 -11.23 -8.44 6.67
C VAL B 159 -9.85 -7.78 6.66
N LEU B 160 -9.83 -6.54 6.15
CA LEU B 160 -8.62 -5.76 6.06
C LEU B 160 -7.89 -5.71 7.40
N GLN B 161 -6.57 -5.88 7.34
CA GLN B 161 -5.68 -5.86 8.50
C GLN B 161 -4.83 -4.60 8.49
N VAL B 162 -4.41 -4.18 9.68
CA VAL B 162 -3.66 -2.95 9.88
C VAL B 162 -2.60 -3.19 10.94
N VAL B 163 -1.40 -2.64 10.72
CA VAL B 163 -0.37 -2.62 11.76
C VAL B 163 0.44 -1.33 11.64
N ASN B 164 0.81 -0.76 12.78
CA ASN B 164 1.70 0.39 12.83
C ASN B 164 3.12 -0.09 13.10
N LEU B 165 4.09 0.44 12.35
CA LEU B 165 5.49 -0.01 12.44
C LEU B 165 6.46 1.17 12.40
N PRO B 166 7.56 1.10 13.14
CA PRO B 166 8.55 2.18 13.10
C PRO B 166 9.52 2.07 11.91
N ILE B 167 9.82 3.23 11.31
CA ILE B 167 10.89 3.33 10.32
C ILE B 167 12.22 3.00 10.98
N VAL B 168 13.09 2.31 10.26
CA VAL B 168 14.35 1.81 10.82
C VAL B 168 15.54 2.55 10.21
N GLU B 169 16.57 2.81 11.03
CA GLU B 169 17.80 3.44 10.58
C GLU B 169 18.36 2.73 9.36
N ARG B 170 18.84 3.51 8.39
CA ARG B 170 19.31 2.92 7.14
C ARG B 170 20.44 1.91 7.33
N PRO B 171 21.43 2.10 8.22
CA PRO B 171 22.46 1.06 8.38
C PRO B 171 21.93 -0.23 8.96
N VAL B 172 20.97 -0.15 9.89
CA VAL B 172 20.32 -1.37 10.39
C VAL B 172 19.60 -2.10 9.27
N CYS B 173 18.86 -1.36 8.42
CA CYS B 173 18.22 -2.02 7.27
C CYS B 173 19.25 -2.76 6.41
N LYS B 174 20.34 -2.09 6.08
CA LYS B 174 21.32 -2.70 5.19
C LYS B 174 21.99 -3.91 5.83
N ASP B 175 22.22 -3.85 7.14
CA ASP B 175 22.93 -4.93 7.84
C ASP B 175 22.03 -6.13 8.13
N SER B 176 20.76 -6.08 7.76
CA SER B 176 19.87 -7.20 7.99
C SER B 176 19.73 -8.10 6.78
N THR B 177 20.39 -7.78 5.68
CA THR B 177 20.13 -8.45 4.41
C THR B 177 21.39 -8.45 3.57
N ARG B 178 21.46 -9.41 2.65
CA ARG B 178 22.50 -9.41 1.63
C ARG B 178 22.10 -8.62 0.40
N ILE B 179 20.83 -8.22 0.30
CA ILE B 179 20.34 -7.50 -0.87
C ILE B 179 20.90 -6.08 -0.85
N ARG B 180 21.26 -5.57 -2.02
CA ARG B 180 21.76 -4.20 -2.15
C ARG B 180 20.60 -3.23 -2.00
N ILE B 181 20.60 -2.46 -0.90
CA ILE B 181 19.53 -1.51 -0.59
C ILE B 181 19.87 -0.17 -1.24
N THR B 182 18.89 0.44 -1.91
CA THR B 182 19.10 1.71 -2.59
C THR B 182 18.37 2.83 -1.86
N ASP B 183 18.65 4.06 -2.30
CA ASP B 183 17.96 5.24 -1.78
C ASP B 183 16.49 5.27 -2.15
N ASN B 184 16.04 4.42 -3.09
CA ASN B 184 14.64 4.30 -3.45
C ASN B 184 13.88 3.34 -2.55
N MET B 185 14.53 2.84 -1.50
CA MET B 185 13.91 1.93 -0.53
C MET B 185 14.12 2.48 0.87
N PHE B 186 13.19 2.15 1.76
CA PHE B 186 13.41 2.26 3.20
C PHE B 186 12.84 1.00 3.83
N CYS B 187 13.19 0.76 5.09
CA CYS B 187 12.68 -0.43 5.77
C CYS B 187 12.05 -0.02 7.10
N ALA B 188 11.17 -0.88 7.58
CA ALA B 188 10.37 -0.59 8.76
C ALA B 188 10.08 -1.89 9.51
N GLY B 189 9.85 -1.77 10.81
CA GLY B 189 9.58 -2.92 11.66
C GLY B 189 10.33 -2.79 12.97
N TYR B 190 9.90 -3.58 13.95
CA TYR B 190 10.54 -3.56 15.26
C TYR B 190 11.80 -4.42 15.26
N LYS B 191 12.76 -4.00 16.09
CA LYS B 191 13.96 -4.77 16.37
C LYS B 191 13.66 -5.89 17.36
N PRO B 192 14.52 -6.91 17.42
CA PRO B 192 14.25 -8.03 18.34
C PRO B 192 14.14 -7.62 19.80
N ASP B 193 14.92 -6.64 20.25
CA ASP B 193 14.90 -6.24 21.65
C ASP B 193 13.78 -5.26 21.97
N GLU B 194 13.03 -4.80 20.97
CA GLU B 194 11.93 -3.90 21.22
C GLU B 194 10.65 -4.62 21.65
N GLY B 195 10.60 -5.94 21.55
CA GLY B 195 9.43 -6.70 22.02
C GLY B 195 8.17 -6.76 21.17
N LYS B 196 7.71 -5.62 20.64
CA LYS B 196 6.56 -5.62 19.75
C LYS B 196 6.93 -6.26 18.41
N ARG B 197 5.91 -6.73 17.68
CA ARG B 197 6.10 -7.46 16.44
C ARG B 197 5.23 -6.84 15.34
N GLY B 198 5.24 -7.46 14.16
CA GLY B 198 4.43 -6.99 13.05
C GLY B 198 5.14 -6.80 11.72
N ASP B 199 4.47 -7.11 10.63
CA ASP B 199 5.10 -7.03 9.31
C ASP B 199 4.02 -7.18 8.25
N ALA B 200 4.33 -6.70 7.05
CA ALA B 200 3.57 -7.10 5.89
C ALA B 200 3.96 -8.53 5.50
N CYS B 201 3.20 -9.12 4.58
CA CYS B 201 3.50 -10.48 4.15
C CYS B 201 2.98 -10.66 2.72
N GLU B 202 3.12 -11.87 2.20
CA GLU B 202 2.58 -12.22 0.88
C GLU B 202 1.11 -11.80 0.77
N GLY B 203 0.77 -11.14 -0.34
CA GLY B 203 -0.55 -10.62 -0.54
C GLY B 203 -0.73 -9.16 -0.18
N ASP B 204 0.18 -8.61 0.64
CA ASP B 204 0.17 -7.19 0.98
C ASP B 204 0.94 -6.33 -0.02
N SER B 205 1.80 -6.95 -0.82
CA SER B 205 2.54 -6.34 -1.93
C SER B 205 1.74 -5.25 -2.63
N GLY B 206 2.38 -4.10 -2.87
CA GLY B 206 1.76 -3.02 -3.59
C GLY B 206 0.90 -2.11 -2.75
N GLY B 207 0.56 -2.50 -1.52
CA GLY B 207 -0.24 -1.69 -0.63
C GLY B 207 0.54 -0.54 -0.02
N PRO B 208 -0.18 0.32 0.70
CA PRO B 208 0.40 1.58 1.17
C PRO B 208 0.99 1.53 2.57
N PHE B 209 2.09 2.28 2.74
CA PHE B 209 2.65 2.61 4.04
C PHE B 209 2.39 4.09 4.22
N VAL B 210 1.53 4.45 5.18
CA VAL B 210 1.07 5.83 5.32
C VAL B 210 1.48 6.38 6.67
N MET B 211 1.52 7.71 6.74
CA MET B 211 1.79 8.42 7.98
C MET B 211 0.81 9.59 8.06
N LYS B 212 0.34 9.90 9.27
CA LYS B 212 -0.57 11.02 9.46
C LYS B 212 0.25 12.24 9.85
N SER B 213 0.16 13.29 9.06
CA SER B 213 0.93 14.49 9.38
C SER B 213 0.42 15.11 10.67
N PRO B 214 1.29 15.41 11.63
CA PRO B 214 0.87 16.13 12.84
C PRO B 214 0.69 17.63 12.58
N PHE B 215 1.06 18.13 11.41
CA PHE B 215 0.94 19.54 11.07
C PHE B 215 -0.42 19.89 10.47
N ASN B 216 -0.91 19.10 9.51
CA ASN B 216 -2.19 19.37 8.89
C ASN B 216 -3.20 18.23 9.04
N ASN B 217 -2.87 17.20 9.81
CA ASN B 217 -3.76 16.09 10.16
C ASN B 217 -4.19 15.28 8.95
N ARG B 218 -3.40 15.28 7.87
CA ARG B 218 -3.69 14.51 6.67
C ARG B 218 -2.80 13.28 6.60
N TRP B 219 -3.33 12.22 5.99
CA TRP B 219 -2.56 11.01 5.74
C TRP B 219 -1.80 11.12 4.42
N TYR B 220 -0.52 10.75 4.45
CA TYR B 220 0.38 10.76 3.30
C TYR B 220 0.90 9.35 3.07
N GLN B 221 0.97 8.92 1.82
CA GLN B 221 1.56 7.63 1.51
C GLN B 221 3.05 7.81 1.29
N MET B 222 3.87 7.33 2.24
CA MET B 222 5.32 7.46 2.15
C MET B 222 5.98 6.26 1.50
N GLY B 223 5.33 5.09 1.55
CA GLY B 223 5.92 3.87 1.03
C GLY B 223 4.89 2.98 0.34
N ILE B 224 5.42 2.04 -0.43
CA ILE B 224 4.67 0.96 -1.05
C ILE B 224 5.27 -0.35 -0.55
N VAL B 225 4.44 -1.28 -0.11
CA VAL B 225 4.92 -2.60 0.31
C VAL B 225 5.66 -3.27 -0.84
N SER B 226 6.95 -3.55 -0.66
CA SER B 226 7.76 -4.06 -1.76
C SER B 226 8.27 -5.48 -1.54
N TRP B 227 9.05 -5.75 -0.48
CA TRP B 227 9.53 -7.12 -0.28
C TRP B 227 9.99 -7.30 1.16
N GLY B 228 10.24 -8.56 1.50
CA GLY B 228 10.83 -8.93 2.77
C GLY B 228 11.31 -10.35 2.71
N GLU B 229 12.17 -10.70 3.65
CA GLU B 229 12.73 -12.06 3.73
C GLU B 229 11.93 -12.79 4.78
N GLY B 230 10.96 -13.59 4.34
CA GLY B 230 10.00 -14.16 5.27
C GLY B 230 9.00 -13.10 5.69
N CYS B 231 8.35 -13.32 6.83
CA CYS B 231 7.39 -12.37 7.35
C CYS B 231 7.49 -12.34 8.87
N ASP B 232 7.70 -11.15 9.42
CA ASP B 232 7.83 -10.96 10.87
C ASP B 232 8.92 -11.85 11.48
N ARG B 233 10.05 -11.97 10.78
CA ARG B 233 11.20 -12.68 11.32
C ARG B 233 12.06 -11.74 12.15
N ASP B 234 12.52 -12.23 13.30
CA ASP B 234 13.44 -11.48 14.14
C ASP B 234 14.69 -11.09 13.35
N GLY B 235 15.10 -9.83 13.48
CA GLY B 235 16.28 -9.35 12.79
C GLY B 235 16.09 -9.03 11.33
N LYS B 236 14.89 -9.27 10.79
CA LYS B 236 14.54 -8.87 9.43
C LYS B 236 13.52 -7.73 9.49
N TYR B 237 13.39 -7.02 8.37
CA TYR B 237 12.54 -5.84 8.30
C TYR B 237 11.81 -5.84 6.96
N GLY B 238 10.65 -5.21 6.92
CA GLY B 238 9.96 -5.03 5.66
C GLY B 238 10.58 -3.88 4.87
N PHE B 239 10.67 -4.05 3.55
CA PHE B 239 11.17 -3.02 2.68
C PHE B 239 10.06 -2.41 1.84
N TYR B 240 10.15 -1.09 1.65
CA TYR B 240 9.10 -0.28 1.04
C TYR B 240 9.72 0.61 -0.02
N THR B 241 9.01 0.78 -1.14
CA THR B 241 9.39 1.76 -2.14
C THR B 241 9.27 3.17 -1.59
N HIS B 242 10.29 4.00 -1.82
CA HIS B 242 10.35 5.37 -1.30
C HIS B 242 9.56 6.28 -2.24
N VAL B 243 8.30 6.55 -1.89
CA VAL B 243 7.37 7.21 -2.80
C VAL B 243 7.86 8.61 -3.17
N PHE B 244 8.31 9.39 -2.18
CA PHE B 244 8.72 10.74 -2.55
C PHE B 244 9.89 10.74 -3.53
N ARG B 245 10.86 9.83 -3.34
CA ARG B 245 12.02 9.77 -4.22
C ARG B 245 11.64 9.52 -5.67
N LEU B 246 10.48 8.92 -5.92
CA LEU B 246 10.01 8.66 -7.28
C LEU B 246 8.84 9.57 -7.66
N LYS B 247 8.57 10.61 -6.89
CA LYS B 247 7.38 11.38 -7.18
C LYS B 247 7.51 12.17 -8.48
N LYS B 248 8.73 12.47 -8.92
CA LYS B 248 8.90 13.16 -10.19
C LYS B 248 8.41 12.31 -11.35
N TRP B 249 8.65 11.00 -11.28
CA TRP B 249 8.10 10.09 -12.28
C TRP B 249 6.58 10.05 -12.20
N ILE B 250 6.03 10.00 -10.97
CA ILE B 250 4.58 9.99 -10.79
C ILE B 250 3.96 11.21 -11.45
N GLN B 251 4.47 12.39 -11.11
CA GLN B 251 3.92 13.64 -11.66
C GLN B 251 4.03 13.67 -13.17
N LYS B 252 5.15 13.21 -13.73
CA LYS B 252 5.31 13.24 -15.18
C LYS B 252 4.27 12.35 -15.86
N VAL B 253 4.00 11.17 -15.29
CA VAL B 253 3.02 10.26 -15.90
C VAL B 253 1.63 10.89 -15.88
N ILE B 254 1.19 11.35 -14.71
CA ILE B 254 -0.16 11.87 -14.61
C ILE B 254 -0.31 13.15 -15.44
N ASP B 255 0.74 13.96 -15.51
CA ASP B 255 0.68 15.17 -16.33
C ASP B 255 0.66 14.84 -17.82
N GLN B 256 1.48 13.89 -18.25
CA GLN B 256 1.51 13.55 -19.67
C GLN B 256 0.26 12.79 -20.10
N PHE B 257 -0.30 11.99 -19.21
CA PHE B 257 -1.43 11.15 -19.57
C PHE B 257 -2.66 11.45 -18.74
N ASP C 2 -11.45 -18.80 -2.46
CA ASP C 2 -12.74 -18.80 -1.78
C ASP C 2 -13.46 -17.47 -1.94
N PHE C 3 -13.31 -16.83 -3.09
CA PHE C 3 -13.87 -15.50 -3.31
C PHE C 3 -15.30 -15.57 -3.83
N GLU C 4 -16.15 -14.72 -3.28
CA GLU C 4 -17.50 -14.59 -3.80
C GLU C 4 -17.44 -14.05 -5.24
N GLU C 5 -18.27 -14.63 -6.10
CA GLU C 5 -18.28 -14.20 -7.49
C GLU C 5 -18.68 -12.73 -7.56
N ILE C 6 -18.03 -11.99 -8.46
CA ILE C 6 -18.38 -10.59 -8.63
C ILE C 6 -19.42 -10.51 -9.73
N PRO C 7 -20.24 -9.46 -9.81
CA PRO C 7 -21.23 -9.36 -10.88
C PRO C 7 -20.61 -9.48 -12.26
N GLU C 8 -21.35 -10.11 -13.18
CA GLU C 8 -20.84 -10.35 -14.52
C GLU C 8 -20.53 -9.06 -15.27
N GLU C 9 -21.17 -7.95 -14.91
CA GLU C 9 -20.93 -6.67 -15.55
C GLU C 9 -19.45 -6.33 -15.66
N LEU C 11 -16.89 -8.25 -15.84
CA LEU C 11 -16.03 -9.21 -16.53
C LEU C 11 -16.27 -9.26 -18.04
N GLN C 12 -17.21 -8.44 -18.52
CA GLN C 12 -17.51 -8.40 -19.95
C GLN C 12 -16.64 -7.36 -20.66
#